data_4JWC
#
_entry.id   4JWC
#
_cell.length_a   77.647
_cell.length_b   163.042
_cell.length_c   44.770
_cell.angle_alpha   90.00
_cell.angle_beta   90.00
_cell.angle_gamma   90.00
#
_symmetry.space_group_name_H-M   'P 21 21 2'
#
loop_
_entity.id
_entity.type
_entity.pdbx_description
1 polymer 'Chaperone protein DnaK'
2 polymer Cathelicidin-3
3 non-polymer 'SULFATE ION'
4 water water
#
loop_
_entity_poly.entity_id
_entity_poly.type
_entity_poly.pdbx_seq_one_letter_code
_entity_poly.pdbx_strand_id
1 'polypeptide(L)'
;VLLLDVTPLSLGIETMGGVMTTLIAKNTTIPTKHSQVFSTAEDNQSAVTIHVLQGERKRAADNKSLGQFNLDGINPAPRG
MPQIEVTFDIDADGILHVSAKDKNSGKEQKITIKASSGLNEDEIQKMVRDAEANAEADRKFEELVQTRNQGDHLLHSTRK
QVEEAGDKLPADDKTAIESALTALETALKGEDKAAIEAKMQELAQVSQKLMEIAQQQHA
;
A,B
2 'polypeptide(L)' RRIRPRPPRLPRPRPR C,D
#
# COMPACT_ATOMS: atom_id res chain seq x y z
N VAL A 1 -5.67 -11.69 36.90
CA VAL A 1 -5.84 -12.81 35.95
C VAL A 1 -4.61 -13.02 35.08
N LEU A 2 -4.30 -14.29 34.79
CA LEU A 2 -3.16 -14.64 33.95
C LEU A 2 -3.55 -14.88 32.51
N LEU A 3 -4.83 -14.88 32.22
CA LEU A 3 -5.31 -15.08 30.87
C LEU A 3 -6.65 -14.40 30.70
N LEU A 4 -6.96 -14.00 29.48
CA LEU A 4 -8.24 -13.43 29.10
C LEU A 4 -8.36 -13.37 27.60
N ASP A 5 -9.59 -13.15 27.13
CA ASP A 5 -9.86 -13.04 25.70
C ASP A 5 -9.71 -11.62 25.25
N VAL A 6 -9.01 -11.45 24.14
CA VAL A 6 -8.86 -10.16 23.48
C VAL A 6 -9.29 -10.35 22.03
N THR A 7 -9.52 -9.24 21.33
CA THR A 7 -9.65 -9.26 19.88
C THR A 7 -8.17 -8.98 19.47
N PRO A 8 -7.57 -9.88 18.68
CA PRO A 8 -6.11 -9.83 18.47
C PRO A 8 -5.55 -8.77 17.55
N LEU A 9 -6.42 -8.18 16.70
CA LEU A 9 -6.06 -7.14 15.75
C LEU A 9 -7.06 -5.99 15.79
N SER A 10 -6.60 -4.79 15.34
CA SER A 10 -7.45 -3.62 15.27
C SER A 10 -8.59 -3.91 14.29
N LEU A 11 -9.77 -3.41 14.63
CA LEU A 11 -10.97 -3.54 13.80
C LEU A 11 -11.47 -2.16 13.45
N GLY A 12 -11.74 -1.93 12.17
CA GLY A 12 -12.19 -0.61 11.76
C GLY A 12 -12.89 -0.61 10.43
N ILE A 13 -13.01 0.58 9.87
CA ILE A 13 -13.68 0.71 8.60
C ILE A 13 -12.82 1.48 7.61
N GLU A 14 -13.12 1.30 6.32
CA GLU A 14 -12.42 2.06 5.29
C GLU A 14 -13.03 3.47 5.23
N THR A 15 -12.17 4.50 5.11
CA THR A 15 -12.62 5.89 4.98
C THR A 15 -12.02 6.48 3.70
N MET A 16 -12.54 7.63 3.29
CA MET A 16 -12.17 8.40 2.13
C MET A 16 -10.67 8.37 1.83
N GLY A 17 -10.33 7.96 0.62
CA GLY A 17 -8.94 7.88 0.15
C GLY A 17 -8.26 6.53 0.35
N GLY A 18 -9.00 5.55 0.87
CA GLY A 18 -8.52 4.18 1.07
C GLY A 18 -7.72 3.96 2.33
N VAL A 19 -8.06 4.70 3.39
CA VAL A 19 -7.39 4.57 4.69
C VAL A 19 -8.28 3.71 5.63
N MET A 20 -7.68 2.99 6.59
CA MET A 20 -8.45 2.22 7.59
C MET A 20 -8.53 3.09 8.85
N THR A 21 -9.75 3.43 9.30
CA THR A 21 -10.00 4.16 10.55
C THR A 21 -10.40 3.10 11.62
N THR A 22 -9.61 2.97 12.70
CA THR A 22 -9.82 2.00 13.77
C THR A 22 -10.93 2.37 14.75
N LEU A 23 -11.84 1.41 15.02
CA LEU A 23 -12.89 1.54 16.04
C LEU A 23 -12.50 0.82 17.29
N ILE A 24 -11.86 -0.36 17.15
CA ILE A 24 -11.42 -1.14 18.30
C ILE A 24 -9.96 -1.47 18.10
N ALA A 25 -9.09 -1.06 19.05
CA ALA A 25 -7.65 -1.33 18.96
C ALA A 25 -7.31 -2.79 19.20
N LYS A 26 -6.20 -3.27 18.59
CA LYS A 26 -5.66 -4.61 18.83
C LYS A 26 -5.43 -4.82 20.33
N ASN A 27 -5.70 -6.03 20.79
CA ASN A 27 -5.54 -6.51 22.18
C ASN A 27 -6.52 -5.93 23.17
N THR A 28 -7.64 -5.35 22.69
CA THR A 28 -8.70 -4.83 23.57
C THR A 28 -9.40 -6.05 24.17
N THR A 29 -9.64 -6.04 25.50
CA THR A 29 -10.34 -7.18 26.13
C THR A 29 -11.76 -7.24 25.61
N ILE A 30 -12.27 -8.45 25.41
CA ILE A 30 -13.62 -8.65 24.96
C ILE A 30 -14.48 -9.21 26.14
N PRO A 31 -15.78 -8.88 26.27
CA PRO A 31 -16.61 -8.07 25.37
C PRO A 31 -16.24 -6.58 25.41
N THR A 32 -16.45 -5.90 24.30
CA THR A 32 -16.20 -4.46 24.20
C THR A 32 -17.16 -3.84 23.17
N LYS A 33 -17.29 -2.53 23.20
CA LYS A 33 -18.10 -1.77 22.25
C LYS A 33 -17.53 -0.39 22.10
N HIS A 34 -17.63 0.15 20.90
CA HIS A 34 -17.19 1.51 20.63
C HIS A 34 -17.97 2.05 19.45
N SER A 35 -18.33 3.34 19.54
CA SER A 35 -19.05 4.04 18.50
C SER A 35 -18.25 5.28 18.09
N GLN A 36 -18.40 5.67 16.83
CA GLN A 36 -17.78 6.89 16.31
C GLN A 36 -18.67 7.46 15.23
N VAL A 37 -18.76 8.79 15.16
CA VAL A 37 -19.55 9.46 14.13
C VAL A 37 -18.67 9.67 12.90
N PHE A 38 -19.26 9.40 11.72
CA PHE A 38 -18.65 9.57 10.42
C PHE A 38 -19.57 10.44 9.57
N SER A 39 -19.06 10.99 8.49
CA SER A 39 -19.89 11.79 7.60
C SER A 39 -19.63 11.35 6.17
N THR A 40 -20.25 12.02 5.22
CA THR A 40 -20.13 11.71 3.80
C THR A 40 -18.92 12.39 3.21
N ALA A 41 -18.30 11.75 2.22
CA ALA A 41 -17.13 12.29 1.52
C ALA A 41 -17.47 13.37 0.47
N GLU A 42 -18.61 13.19 -0.28
CA GLU A 42 -19.01 14.09 -1.38
C GLU A 42 -20.28 14.86 -1.06
N ASP A 43 -20.51 15.98 -1.78
CA ASP A 43 -21.75 16.76 -1.67
C ASP A 43 -22.90 15.93 -2.28
N ASN A 44 -24.11 16.02 -1.72
CA ASN A 44 -25.28 15.28 -2.23
C ASN A 44 -25.21 13.74 -2.17
N GLN A 45 -24.38 13.20 -1.27
CA GLN A 45 -24.22 11.75 -1.15
C GLN A 45 -25.40 11.12 -0.38
N SER A 46 -26.13 10.22 -1.04
CA SER A 46 -27.31 9.63 -0.39
C SER A 46 -27.07 8.23 0.19
N ALA A 47 -25.88 7.67 -0.04
CA ALA A 47 -25.55 6.34 0.41
C ALA A 47 -24.08 6.24 0.79
N VAL A 48 -23.77 5.41 1.79
CA VAL A 48 -22.39 5.17 2.20
C VAL A 48 -22.15 3.66 2.25
N THR A 49 -20.88 3.28 2.10
CA THR A 49 -20.47 1.89 2.25
C THR A 49 -19.69 1.77 3.55
N ILE A 50 -20.06 0.78 4.37
CA ILE A 50 -19.37 0.43 5.61
C ILE A 50 -18.59 -0.85 5.34
N HIS A 51 -17.27 -0.73 5.10
CA HIS A 51 -16.39 -1.84 4.80
C HIS A 51 -15.58 -2.15 6.05
N VAL A 52 -15.89 -3.28 6.69
CA VAL A 52 -15.28 -3.72 7.95
C VAL A 52 -13.92 -4.42 7.69
N LEU A 53 -12.87 -3.96 8.37
CA LEU A 53 -11.50 -4.48 8.20
C LEU A 53 -10.85 -4.86 9.50
N GLN A 54 -9.95 -5.85 9.41
CA GLN A 54 -9.14 -6.31 10.53
C GLN A 54 -7.68 -6.19 10.14
N GLY A 55 -6.91 -5.52 10.99
CA GLY A 55 -5.49 -5.37 10.76
C GLY A 55 -4.90 -4.06 11.25
N GLU A 56 -3.58 -3.93 11.07
CA GLU A 56 -2.77 -2.80 11.57
C GLU A 56 -2.23 -1.87 10.51
N ARG A 57 -2.55 -2.15 9.24
CA ARG A 57 -2.06 -1.33 8.14
C ARG A 57 -2.86 -0.05 7.89
N LYS A 58 -2.19 1.00 7.40
CA LYS A 58 -2.91 2.24 7.11
C LYS A 58 -3.66 2.20 5.80
N ARG A 59 -3.18 1.41 4.80
CA ARG A 59 -3.92 1.24 3.55
C ARG A 59 -5.02 0.23 3.82
N ALA A 60 -6.30 0.60 3.61
CA ALA A 60 -7.43 -0.31 3.81
C ALA A 60 -7.21 -1.65 3.07
N ALA A 61 -6.71 -1.57 1.83
CA ALA A 61 -6.45 -2.70 0.93
C ALA A 61 -5.47 -3.71 1.53
N ASP A 62 -4.59 -3.28 2.45
CA ASP A 62 -3.62 -4.19 3.08
C ASP A 62 -4.16 -4.96 4.29
N ASN A 63 -5.37 -4.63 4.73
CA ASN A 63 -5.98 -5.28 5.88
C ASN A 63 -6.90 -6.41 5.44
N LYS A 64 -7.39 -7.22 6.39
CA LYS A 64 -8.28 -8.33 6.07
C LYS A 64 -9.75 -7.88 6.04
N SER A 65 -10.43 -8.05 4.88
CA SER A 65 -11.84 -7.71 4.81
C SER A 65 -12.70 -8.71 5.59
N LEU A 66 -13.57 -8.18 6.48
CA LEU A 66 -14.48 -9.00 7.28
C LEU A 66 -15.90 -9.01 6.72
N GLY A 67 -16.23 -7.99 5.95
CA GLY A 67 -17.56 -7.87 5.36
C GLY A 67 -17.88 -6.42 5.08
N GLN A 68 -19.03 -6.18 4.47
CA GLN A 68 -19.43 -4.83 4.13
C GLN A 68 -20.92 -4.76 3.90
N PHE A 69 -21.47 -3.56 4.04
CA PHE A 69 -22.88 -3.29 3.82
C PHE A 69 -23.06 -1.84 3.42
N ASN A 70 -24.15 -1.54 2.73
CA ASN A 70 -24.48 -0.17 2.37
C ASN A 70 -25.57 0.40 3.26
N LEU A 71 -25.52 1.71 3.45
CA LEU A 71 -26.55 2.46 4.20
C LEU A 71 -27.02 3.53 3.23
N ASP A 72 -28.31 3.45 2.80
CA ASP A 72 -28.90 4.37 1.83
CA ASP A 72 -28.83 4.46 1.88
C ASP A 72 -30.01 5.23 2.46
N GLY A 73 -30.62 6.13 1.68
CA GLY A 73 -31.73 6.97 2.12
C GLY A 73 -31.31 8.22 2.86
N ILE A 74 -30.01 8.55 2.83
CA ILE A 74 -29.49 9.75 3.48
C ILE A 74 -29.98 10.94 2.62
N ASN A 75 -30.52 11.96 3.27
CA ASN A 75 -30.98 13.12 2.54
C ASN A 75 -29.75 13.81 1.91
N PRO A 76 -29.75 14.04 0.57
CA PRO A 76 -28.59 14.69 -0.06
C PRO A 76 -28.30 16.07 0.55
N ALA A 77 -27.09 16.22 1.07
CA ALA A 77 -26.64 17.40 1.81
C ALA A 77 -25.16 17.68 1.52
N PRO A 78 -24.65 18.86 1.94
CA PRO A 78 -23.21 19.14 1.77
C PRO A 78 -22.36 18.10 2.50
N ARG A 79 -21.17 17.82 1.96
CA ARG A 79 -20.24 16.85 2.56
C ARG A 79 -19.93 17.28 4.01
N GLY A 80 -19.82 16.30 4.91
CA GLY A 80 -19.55 16.61 6.31
C GLY A 80 -20.79 16.93 7.14
N MET A 81 -21.95 17.12 6.51
CA MET A 81 -23.17 17.43 7.25
C MET A 81 -23.82 16.18 7.85
N PRO A 82 -24.04 15.07 7.09
CA PRO A 82 -24.65 13.90 7.71
C PRO A 82 -23.87 13.37 8.93
N GLN A 83 -24.60 12.86 9.93
CA GLN A 83 -24.01 12.32 11.15
CA GLN A 83 -23.99 12.31 11.12
C GLN A 83 -24.32 10.82 11.14
N ILE A 84 -23.34 10.00 10.71
CA ILE A 84 -23.49 8.55 10.63
C ILE A 84 -22.77 7.89 11.79
N GLU A 85 -23.54 7.39 12.74
CA GLU A 85 -22.98 6.72 13.91
C GLU A 85 -22.68 5.26 13.54
N VAL A 86 -21.41 4.90 13.57
CA VAL A 86 -20.96 3.52 13.32
C VAL A 86 -20.60 2.92 14.67
N THR A 87 -21.18 1.75 14.98
CA THR A 87 -20.96 1.08 16.25
C THR A 87 -20.38 -0.34 16.05
N PHE A 88 -19.30 -0.68 16.77
CA PHE A 88 -18.71 -2.02 16.77
C PHE A 88 -18.93 -2.62 18.15
N ASP A 89 -19.56 -3.78 18.22
CA ASP A 89 -19.80 -4.44 19.49
C ASP A 89 -19.39 -5.90 19.39
N ILE A 90 -18.41 -6.31 20.20
CA ILE A 90 -17.96 -7.71 20.23
C ILE A 90 -18.48 -8.34 21.51
N ASP A 91 -19.25 -9.42 21.41
CA ASP A 91 -19.77 -10.08 22.62
C ASP A 91 -18.69 -10.97 23.28
N ALA A 92 -19.00 -11.60 24.43
CA ALA A 92 -18.05 -12.47 25.15
C ALA A 92 -17.58 -13.69 24.33
N ASP A 93 -18.37 -14.10 23.32
CA ASP A 93 -18.07 -15.24 22.43
C ASP A 93 -17.33 -14.83 21.14
N GLY A 94 -16.92 -13.58 21.06
CA GLY A 94 -16.15 -13.05 19.93
C GLY A 94 -16.97 -12.70 18.72
N ILE A 95 -18.31 -12.70 18.85
CA ILE A 95 -19.19 -12.35 17.74
C ILE A 95 -19.20 -10.84 17.58
N LEU A 96 -18.91 -10.37 16.37
CA LEU A 96 -18.87 -8.94 16.09
C LEU A 96 -20.15 -8.42 15.39
N HIS A 97 -20.76 -7.43 16.00
CA HIS A 97 -21.95 -6.76 15.46
C HIS A 97 -21.54 -5.35 15.03
N VAL A 98 -21.78 -5.01 13.77
CA VAL A 98 -21.43 -3.67 13.26
C VAL A 98 -22.71 -3.04 12.77
N SER A 99 -22.97 -1.78 13.18
CA SER A 99 -24.16 -1.06 12.74
C SER A 99 -23.80 0.37 12.37
N ALA A 100 -24.54 0.93 11.41
CA ALA A 100 -24.37 2.34 11.00
C ALA A 100 -25.78 2.92 11.00
N LYS A 101 -25.96 4.12 11.58
CA LYS A 101 -27.26 4.77 11.60
C LYS A 101 -27.07 6.24 11.24
N ASP A 102 -27.86 6.72 10.29
CA ASP A 102 -27.83 8.13 9.90
C ASP A 102 -28.74 8.90 10.87
N LYS A 103 -28.19 9.87 11.61
CA LYS A 103 -29.00 10.57 12.62
C LYS A 103 -30.19 11.30 12.09
N ASN A 104 -30.03 12.03 10.97
CA ASN A 104 -31.13 12.79 10.40
C ASN A 104 -32.29 11.93 9.90
N SER A 105 -32.02 10.92 9.06
CA SER A 105 -33.09 10.09 8.50
C SER A 105 -33.56 8.98 9.40
N GLY A 106 -32.70 8.58 10.34
CA GLY A 106 -32.99 7.44 11.20
C GLY A 106 -32.71 6.09 10.55
N LYS A 107 -32.29 6.08 9.25
CA LYS A 107 -31.97 4.86 8.46
C LYS A 107 -30.80 4.14 9.13
N GLU A 108 -30.95 2.82 9.29
CA GLU A 108 -29.97 1.98 9.96
C GLU A 108 -29.76 0.66 9.22
N GLN A 109 -28.53 0.17 9.21
CA GLN A 109 -28.18 -1.11 8.62
C GLN A 109 -27.10 -1.76 9.49
N LYS A 110 -27.09 -3.09 9.53
CA LYS A 110 -26.16 -3.83 10.37
C LYS A 110 -25.71 -5.15 9.74
N ILE A 111 -24.63 -5.69 10.27
CA ILE A 111 -24.07 -7.00 9.85
C ILE A 111 -23.56 -7.71 11.10
N THR A 112 -23.63 -9.04 11.08
CA THR A 112 -23.07 -9.88 12.12
C THR A 112 -21.89 -10.62 11.49
N ILE A 113 -20.76 -10.57 12.18
CA ILE A 113 -19.52 -11.24 11.73
C ILE A 113 -19.13 -12.31 12.76
N LYS A 114 -19.06 -13.58 12.30
CA LYS A 114 -18.70 -14.73 13.16
C LYS A 114 -17.31 -14.57 13.81
N ALA A 115 -17.15 -15.12 15.02
CA ALA A 115 -15.89 -15.13 15.79
C ALA A 115 -14.73 -15.82 15.05
N SER A 116 -15.05 -16.84 14.21
CA SER A 116 -14.04 -17.58 13.44
C SER A 116 -13.49 -16.79 12.24
N SER A 117 -14.14 -15.65 11.86
CA SER A 117 -13.70 -14.79 10.73
C SER A 117 -12.31 -14.16 10.97
N GLY A 118 -11.70 -13.68 9.90
CA GLY A 118 -10.44 -12.95 9.99
C GLY A 118 -9.19 -13.81 9.91
N LEU A 119 -8.10 -13.27 10.47
CA LEU A 119 -6.78 -13.89 10.42
C LEU A 119 -6.49 -14.87 11.49
N ASN A 120 -5.71 -15.95 11.16
CA ASN A 120 -5.32 -17.01 12.11
C ASN A 120 -4.08 -16.56 12.88
N GLU A 121 -3.60 -17.37 13.84
CA GLU A 121 -2.44 -17.03 14.67
C GLU A 121 -1.19 -16.59 13.87
N ASP A 122 -0.81 -17.37 12.83
CA ASP A 122 0.37 -17.05 12.02
C ASP A 122 0.19 -15.76 11.22
N GLU A 123 -1.01 -15.56 10.66
CA GLU A 123 -1.36 -14.35 9.89
C GLU A 123 -1.40 -13.14 10.78
N ILE A 124 -1.84 -13.32 12.06
CA ILE A 124 -1.90 -12.22 13.06
C ILE A 124 -0.46 -11.77 13.32
N GLN A 125 0.44 -12.74 13.62
CA GLN A 125 1.86 -12.45 13.85
C GLN A 125 2.50 -11.78 12.61
N LYS A 126 2.18 -12.26 11.40
CA LYS A 126 2.71 -11.64 10.16
C LYS A 126 2.20 -10.20 10.01
N MET A 127 0.90 -9.96 10.32
CA MET A 127 0.25 -8.65 10.28
C MET A 127 1.02 -7.63 11.13
N VAL A 128 1.31 -8.02 12.40
CA VAL A 128 2.03 -7.19 13.37
C VAL A 128 3.45 -6.89 12.88
N ARG A 129 4.16 -7.92 12.38
CA ARG A 129 5.51 -7.77 11.85
C ARG A 129 5.55 -6.82 10.64
N ASP A 130 4.66 -7.05 9.66
CA ASP A 130 4.54 -6.26 8.42
C ASP A 130 4.18 -4.80 8.72
N ALA A 131 3.28 -4.55 9.69
CA ALA A 131 2.91 -3.20 10.12
C ALA A 131 4.12 -2.45 10.71
N GLU A 132 4.92 -3.12 11.57
CA GLU A 132 6.12 -2.54 12.20
C GLU A 132 7.18 -2.26 11.13
N ALA A 133 7.39 -3.20 10.21
CA ALA A 133 8.38 -3.06 9.14
C ALA A 133 8.03 -1.96 8.14
N ASN A 134 6.73 -1.62 8.03
CA ASN A 134 6.22 -0.61 7.13
C ASN A 134 5.66 0.62 7.87
N ALA A 135 6.11 0.85 9.12
CA ALA A 135 5.65 1.95 9.97
C ALA A 135 5.79 3.32 9.27
N GLU A 136 7.01 3.63 8.77
CA GLU A 136 7.29 4.89 8.09
C GLU A 136 6.49 5.04 6.80
N ALA A 137 6.47 3.97 5.96
CA ALA A 137 5.73 3.98 4.69
C ALA A 137 4.24 4.22 4.91
N ASP A 138 3.65 3.54 5.91
CA ASP A 138 2.23 3.66 6.26
C ASP A 138 1.94 5.07 6.75
N ARG A 139 2.83 5.64 7.57
CA ARG A 139 2.68 7.02 8.05
C ARG A 139 2.70 7.99 6.85
N LYS A 140 3.61 7.78 5.89
CA LYS A 140 3.71 8.64 4.70
C LYS A 140 2.43 8.52 3.84
N PHE A 141 1.86 7.29 3.71
CA PHE A 141 0.62 7.06 2.97
C PHE A 141 -0.52 7.83 3.60
N GLU A 142 -0.64 7.74 4.94
CA GLU A 142 -1.67 8.46 5.71
C GLU A 142 -1.53 9.98 5.51
N GLU A 143 -0.29 10.50 5.59
CA GLU A 143 0.00 11.92 5.37
C GLU A 143 -0.39 12.35 3.94
N LEU A 144 -0.10 11.50 2.91
CA LEU A 144 -0.47 11.74 1.52
C LEU A 144 -1.99 11.82 1.33
N VAL A 145 -2.72 10.84 1.88
CA VAL A 145 -4.19 10.86 1.76
C VAL A 145 -4.79 12.10 2.48
N GLN A 146 -4.20 12.49 3.63
CA GLN A 146 -4.63 13.70 4.35
C GLN A 146 -4.51 14.95 3.46
N THR A 147 -3.37 15.06 2.74
CA THR A 147 -3.05 16.18 1.82
C THR A 147 -3.95 16.08 0.58
N ARG A 148 -4.15 14.85 0.03
CA ARG A 148 -5.02 14.62 -1.13
C ARG A 148 -6.45 15.07 -0.83
N ASN A 149 -6.98 14.73 0.37
CA ASN A 149 -8.31 15.13 0.84
C ASN A 149 -8.34 16.65 1.04
N GLN A 150 -7.30 17.24 1.70
CA GLN A 150 -7.14 18.69 1.94
C GLN A 150 -7.04 19.45 0.61
N GLY A 151 -6.32 18.86 -0.34
CA GLY A 151 -6.12 19.38 -1.68
C GLY A 151 -7.41 19.38 -2.44
N ASP A 152 -8.24 18.37 -2.19
CA ASP A 152 -9.57 18.25 -2.76
C ASP A 152 -10.56 19.19 -2.02
N HIS A 153 -10.26 19.54 -0.74
CA HIS A 153 -11.04 20.48 0.09
C HIS A 153 -10.77 21.89 -0.39
N LEU A 154 -9.51 22.19 -0.76
CA LEU A 154 -9.10 23.48 -1.30
C LEU A 154 -9.66 23.63 -2.72
N LEU A 155 -9.69 22.53 -3.50
CA LEU A 155 -10.24 22.49 -4.85
C LEU A 155 -11.77 22.72 -4.78
N HIS A 156 -12.45 22.09 -3.80
CA HIS A 156 -13.89 22.21 -3.54
C HIS A 156 -14.28 23.64 -3.11
N SER A 157 -13.56 24.22 -2.12
CA SER A 157 -13.83 25.57 -1.61
C SER A 157 -13.52 26.67 -2.63
N THR A 158 -12.52 26.45 -3.53
CA THR A 158 -12.14 27.39 -4.59
C THR A 158 -13.22 27.43 -5.67
N ARG A 159 -13.62 26.24 -6.21
CA ARG A 159 -14.64 26.10 -7.26
C ARG A 159 -16.00 26.68 -6.84
N LYS A 160 -16.36 26.53 -5.54
CA LYS A 160 -17.59 27.06 -4.96
C LYS A 160 -17.48 28.58 -4.85
N GLN A 161 -16.27 29.10 -4.54
CA GLN A 161 -15.99 30.52 -4.46
C GLN A 161 -16.01 31.21 -5.82
N VAL A 162 -15.67 30.46 -6.91
CA VAL A 162 -15.66 30.96 -8.29
C VAL A 162 -17.12 31.17 -8.77
N GLU A 163 -17.97 30.13 -8.61
CA GLU A 163 -19.38 30.15 -9.02
C GLU A 163 -20.21 31.26 -8.36
N GLU A 164 -20.02 31.47 -7.04
CA GLU A 164 -20.71 32.52 -6.26
C GLU A 164 -20.35 33.92 -6.74
N ALA A 165 -19.07 34.15 -7.12
CA ALA A 165 -18.56 35.42 -7.63
C ALA A 165 -19.09 35.71 -9.05
N GLY A 166 -18.96 34.73 -9.95
CA GLY A 166 -19.41 34.80 -11.34
C GLY A 166 -18.75 35.88 -12.18
N ASP A 167 -19.54 36.89 -12.57
CA ASP A 167 -19.13 38.03 -13.39
C ASP A 167 -18.15 38.96 -12.65
N LYS A 168 -18.30 39.07 -11.30
CA LYS A 168 -17.49 39.88 -10.39
C LYS A 168 -15.99 39.58 -10.46
N LEU A 169 -15.60 38.30 -10.61
CA LEU A 169 -14.19 37.90 -10.70
C LEU A 169 -13.64 38.22 -12.11
N PRO A 170 -12.51 38.97 -12.21
CA PRO A 170 -11.96 39.32 -13.53
C PRO A 170 -11.50 38.14 -14.39
N ALA A 171 -11.42 38.35 -15.71
CA ALA A 171 -11.01 37.33 -16.70
C ALA A 171 -9.62 36.78 -16.45
N ASP A 172 -8.58 37.67 -16.39
CA ASP A 172 -7.17 37.34 -16.13
C ASP A 172 -7.00 36.49 -14.87
N ASP A 173 -7.78 36.79 -13.81
CA ASP A 173 -7.80 36.08 -12.54
C ASP A 173 -8.44 34.70 -12.68
N LYS A 174 -9.69 34.64 -13.23
CA LYS A 174 -10.47 33.40 -13.41
C LYS A 174 -9.74 32.32 -14.23
N THR A 175 -9.17 32.72 -15.39
CA THR A 175 -8.45 31.83 -16.31
C THR A 175 -7.19 31.22 -15.67
N ALA A 176 -6.48 32.05 -14.87
CA ALA A 176 -5.28 31.65 -14.16
C ALA A 176 -5.59 30.73 -12.96
N ILE A 177 -6.80 30.90 -12.35
CA ILE A 177 -7.30 30.05 -11.25
C ILE A 177 -7.61 28.68 -11.86
N GLU A 178 -8.32 28.67 -13.01
CA GLU A 178 -8.70 27.48 -13.79
C GLU A 178 -7.48 26.62 -14.16
N SER A 179 -6.37 27.27 -14.61
CA SER A 179 -5.12 26.60 -14.96
C SER A 179 -4.40 26.04 -13.70
N ALA A 180 -4.48 26.79 -12.57
CA ALA A 180 -3.90 26.36 -11.29
C ALA A 180 -4.71 25.19 -10.69
N LEU A 181 -6.04 25.15 -10.97
CA LEU A 181 -6.93 24.09 -10.50
C LEU A 181 -6.59 22.76 -11.20
N THR A 182 -6.24 22.82 -12.50
CA THR A 182 -5.89 21.65 -13.32
C THR A 182 -4.53 21.10 -12.91
N ALA A 183 -3.56 22.01 -12.61
CA ALA A 183 -2.22 21.64 -12.14
C ALA A 183 -2.37 20.93 -10.80
N LEU A 184 -3.31 21.41 -9.95
CA LEU A 184 -3.60 20.80 -8.66
C LEU A 184 -4.25 19.42 -8.87
N GLU A 185 -5.25 19.34 -9.78
CA GLU A 185 -5.95 18.09 -10.14
C GLU A 185 -4.95 16.96 -10.53
N THR A 186 -3.97 17.29 -11.41
CA THR A 186 -2.91 16.37 -11.88
C THR A 186 -1.99 15.91 -10.74
N ALA A 187 -1.51 16.84 -9.88
CA ALA A 187 -0.63 16.52 -8.74
C ALA A 187 -1.32 15.58 -7.75
N LEU A 188 -2.65 15.76 -7.53
CA LEU A 188 -3.46 14.93 -6.64
C LEU A 188 -3.47 13.45 -7.04
N LYS A 189 -3.34 13.16 -8.34
CA LYS A 189 -3.28 11.79 -8.87
C LYS A 189 -1.95 11.12 -8.55
N GLY A 190 -0.93 11.92 -8.24
CA GLY A 190 0.40 11.46 -7.87
C GLY A 190 0.52 11.10 -6.40
N GLU A 191 1.73 10.69 -5.99
CA GLU A 191 2.00 10.27 -4.61
CA GLU A 191 2.04 10.24 -4.62
C GLU A 191 3.04 11.13 -3.90
N ASP A 192 3.27 12.33 -4.43
CA ASP A 192 4.22 13.29 -3.88
C ASP A 192 3.44 14.35 -3.13
N LYS A 193 3.44 14.26 -1.80
CA LYS A 193 2.74 15.19 -0.89
C LYS A 193 3.18 16.65 -1.14
N ALA A 194 4.50 16.91 -1.20
CA ALA A 194 5.04 18.25 -1.42
C ALA A 194 4.59 18.83 -2.76
N ALA A 195 4.51 18.01 -3.82
CA ALA A 195 4.08 18.46 -5.15
C ALA A 195 2.64 18.97 -5.12
N ILE A 196 1.78 18.28 -4.35
CA ILE A 196 0.36 18.61 -4.16
C ILE A 196 0.26 19.94 -3.43
N GLU A 197 0.96 20.07 -2.30
CA GLU A 197 0.98 21.30 -1.50
C GLU A 197 1.52 22.49 -2.29
N ALA A 198 2.53 22.27 -3.18
CA ALA A 198 3.09 23.34 -4.01
C ALA A 198 2.05 23.82 -5.02
N LYS A 199 1.27 22.88 -5.61
CA LYS A 199 0.17 23.25 -6.53
C LYS A 199 -0.96 24.00 -5.83
N MET A 200 -1.23 23.64 -4.55
CA MET A 200 -2.19 24.30 -3.66
C MET A 200 -1.70 25.75 -3.42
N GLN A 201 -0.38 25.90 -3.14
CA GLN A 201 0.26 27.20 -2.91
C GLN A 201 0.13 28.09 -4.13
N GLU A 202 0.44 27.53 -5.32
CA GLU A 202 0.34 28.23 -6.61
C GLU A 202 -1.10 28.65 -6.87
N LEU A 203 -2.09 27.82 -6.46
CA LEU A 203 -3.51 28.16 -6.59
C LEU A 203 -3.84 29.38 -5.72
N ALA A 204 -3.48 29.34 -4.43
CA ALA A 204 -3.70 30.42 -3.45
C ALA A 204 -3.05 31.74 -3.88
N GLN A 205 -1.88 31.66 -4.54
CA GLN A 205 -1.11 32.81 -5.03
C GLN A 205 -1.84 33.53 -6.19
N VAL A 206 -2.81 32.87 -6.82
CA VAL A 206 -3.58 33.40 -7.95
C VAL A 206 -5.09 33.56 -7.57
N SER A 207 -5.44 33.25 -6.30
CA SER A 207 -6.82 33.38 -5.78
C SER A 207 -7.02 34.60 -4.85
N GLN A 208 -6.05 35.54 -4.81
CA GLN A 208 -6.08 36.74 -3.98
C GLN A 208 -7.37 37.57 -4.13
N LYS A 209 -7.81 37.81 -5.37
CA LYS A 209 -9.03 38.56 -5.67
C LYS A 209 -10.28 37.73 -5.34
N LEU A 210 -10.22 36.42 -5.58
CA LEU A 210 -11.29 35.47 -5.30
C LEU A 210 -11.67 35.46 -3.80
N MET A 211 -10.65 35.50 -2.92
CA MET A 211 -10.81 35.50 -1.45
C MET A 211 -11.47 36.77 -0.93
N GLU A 212 -11.16 37.93 -1.56
CA GLU A 212 -11.70 39.24 -1.20
C GLU A 212 -13.21 39.35 -1.49
N ILE A 213 -13.70 38.64 -2.53
CA ILE A 213 -15.13 38.59 -2.89
C ILE A 213 -15.93 37.80 -1.83
N VAL B 1 -15.59 -13.63 -31.07
CA VAL B 1 -16.37 -13.55 -29.82
C VAL B 1 -16.54 -12.11 -29.32
N LEU B 2 -17.68 -11.82 -28.62
CA LEU B 2 -17.95 -10.53 -27.99
C LEU B 2 -17.78 -10.66 -26.48
N LEU B 3 -17.51 -11.87 -26.01
CA LEU B 3 -17.31 -12.11 -24.58
C LEU B 3 -16.03 -12.93 -24.44
N LEU B 4 -15.17 -12.55 -23.49
CA LEU B 4 -13.96 -13.31 -23.21
C LEU B 4 -13.73 -13.29 -21.72
N ASP B 5 -13.49 -14.46 -21.12
CA ASP B 5 -13.21 -14.58 -19.70
C ASP B 5 -11.71 -14.40 -19.50
N VAL B 6 -11.33 -13.31 -18.82
CA VAL B 6 -9.96 -12.91 -18.64
C VAL B 6 -9.61 -12.54 -17.19
N THR B 7 -8.32 -12.49 -16.88
N THR B 7 -8.29 -12.40 -16.93
CA THR B 7 -7.90 -12.00 -15.57
CA THR B 7 -7.73 -11.88 -15.68
C THR B 7 -7.90 -10.44 -15.74
C THR B 7 -7.93 -10.37 -15.81
N PRO B 8 -8.70 -9.70 -14.93
CA PRO B 8 -8.88 -8.25 -15.16
C PRO B 8 -7.67 -7.34 -14.96
N LEU B 9 -6.75 -7.80 -14.11
CA LEU B 9 -5.54 -7.07 -13.78
C LEU B 9 -4.32 -8.00 -13.82
N SER B 10 -3.12 -7.38 -13.95
CA SER B 10 -1.85 -8.13 -13.96
C SER B 10 -1.64 -8.81 -12.61
N LEU B 11 -0.98 -9.98 -12.64
CA LEU B 11 -0.65 -10.78 -11.45
C LEU B 11 0.84 -11.00 -11.43
N GLY B 12 1.42 -10.84 -10.27
CA GLY B 12 2.87 -11.01 -10.16
C GLY B 12 3.35 -11.10 -8.73
N ILE B 13 4.65 -10.86 -8.57
CA ILE B 13 5.27 -10.94 -7.25
C ILE B 13 6.15 -9.74 -6.97
N GLU B 14 6.38 -9.50 -5.69
CA GLU B 14 7.25 -8.43 -5.24
C GLU B 14 8.69 -8.84 -5.35
N THR B 15 9.52 -7.95 -5.94
CA THR B 15 10.95 -8.18 -6.06
C THR B 15 11.71 -7.11 -5.28
N MET B 16 13.02 -7.34 -5.05
CA MET B 16 13.94 -6.47 -4.32
CA MET B 16 13.87 -6.45 -4.25
C MET B 16 13.70 -4.96 -4.57
N GLY B 17 13.48 -4.20 -3.51
CA GLY B 17 13.25 -2.76 -3.58
C GLY B 17 11.80 -2.34 -3.72
N GLY B 18 10.86 -3.27 -3.52
CA GLY B 18 9.44 -2.97 -3.55
C GLY B 18 8.86 -2.77 -4.94
N VAL B 19 9.38 -3.55 -5.90
CA VAL B 19 8.95 -3.54 -7.30
C VAL B 19 7.99 -4.73 -7.60
N MET B 20 6.98 -4.53 -8.48
CA MET B 20 6.12 -5.64 -8.91
C MET B 20 6.63 -6.17 -10.24
N THR B 21 6.92 -7.47 -10.31
CA THR B 21 7.33 -8.19 -11.53
C THR B 21 6.13 -9.03 -11.96
N THR B 22 5.59 -8.75 -13.14
CA THR B 22 4.41 -9.42 -13.66
C THR B 22 4.70 -10.83 -14.19
N LEU B 23 3.85 -11.77 -13.82
CA LEU B 23 3.88 -13.13 -14.37
C LEU B 23 2.75 -13.32 -15.40
N ILE B 24 1.55 -12.78 -15.13
CA ILE B 24 0.38 -12.87 -16.03
C ILE B 24 -0.10 -11.44 -16.26
N ALA B 25 -0.08 -10.99 -17.52
CA ALA B 25 -0.50 -9.62 -17.84
C ALA B 25 -2.01 -9.48 -17.72
N LYS B 26 -2.51 -8.23 -17.47
CA LYS B 26 -3.95 -7.97 -17.40
C LYS B 26 -4.60 -8.40 -18.74
N ASN B 27 -5.85 -8.80 -18.69
CA ASN B 27 -6.64 -9.19 -19.86
C ASN B 27 -6.20 -10.48 -20.54
N THR B 28 -5.40 -11.31 -19.84
CA THR B 28 -5.01 -12.62 -20.40
C THR B 28 -6.21 -13.57 -20.30
N THR B 29 -6.46 -14.35 -21.36
CA THR B 29 -7.57 -15.30 -21.29
C THR B 29 -7.28 -16.46 -20.34
N ILE B 30 -8.32 -16.91 -19.65
CA ILE B 30 -8.22 -18.04 -18.76
C ILE B 30 -8.76 -19.32 -19.47
N PRO B 31 -8.22 -20.52 -19.22
CA PRO B 31 -7.13 -20.86 -18.29
C PRO B 31 -5.78 -20.42 -18.86
N THR B 32 -4.81 -20.22 -17.97
CA THR B 32 -3.48 -19.74 -18.37
C THR B 32 -2.46 -20.18 -17.34
N LYS B 33 -1.20 -20.25 -17.76
CA LYS B 33 -0.09 -20.55 -16.88
C LYS B 33 1.17 -19.88 -17.40
N HIS B 34 2.03 -19.47 -16.49
CA HIS B 34 3.30 -18.87 -16.84
C HIS B 34 4.27 -19.06 -15.70
N SER B 35 5.55 -19.27 -16.06
CA SER B 35 6.67 -19.47 -15.16
C SER B 35 7.79 -18.50 -15.47
N GLN B 36 8.51 -18.08 -14.43
CA GLN B 36 9.70 -17.24 -14.54
C GLN B 36 10.65 -17.59 -13.41
N VAL B 37 11.97 -17.55 -13.71
CA VAL B 37 13.04 -17.84 -12.75
C VAL B 37 13.46 -16.55 -12.04
N PHE B 38 13.57 -16.64 -10.73
CA PHE B 38 13.99 -15.53 -9.89
C PHE B 38 15.21 -16.02 -9.09
N SER B 39 15.87 -15.11 -8.36
CA SER B 39 17.02 -15.50 -7.55
C SER B 39 17.01 -14.74 -6.23
N THR B 40 18.06 -14.90 -5.44
CA THR B 40 18.21 -14.27 -4.15
C THR B 40 18.80 -12.87 -4.28
N ALA B 41 18.40 -11.99 -3.36
CA ALA B 41 18.88 -10.61 -3.29
C ALA B 41 20.23 -10.44 -2.60
N GLU B 42 20.54 -11.30 -1.59
CA GLU B 42 21.80 -11.20 -0.85
C GLU B 42 22.59 -12.50 -0.84
N ASP B 43 23.91 -12.39 -0.62
CA ASP B 43 24.79 -13.58 -0.55
C ASP B 43 24.36 -14.43 0.64
N ASN B 44 24.35 -15.76 0.44
CA ASN B 44 24.00 -16.77 1.45
C ASN B 44 22.55 -16.74 1.95
N GLN B 45 21.66 -16.01 1.24
CA GLN B 45 20.24 -15.93 1.56
C GLN B 45 19.65 -17.34 1.62
N SER B 46 19.09 -17.73 2.77
CA SER B 46 18.55 -19.08 3.03
C SER B 46 17.07 -19.26 2.68
N ALA B 47 16.34 -18.16 2.49
CA ALA B 47 14.92 -18.23 2.19
C ALA B 47 14.47 -17.03 1.37
N VAL B 48 13.37 -17.18 0.63
CA VAL B 48 12.75 -16.09 -0.16
C VAL B 48 11.27 -16.01 0.21
N THR B 49 10.70 -14.78 0.24
CA THR B 49 9.27 -14.60 0.43
C THR B 49 8.70 -14.38 -0.98
N ILE B 50 7.57 -15.06 -1.28
CA ILE B 50 6.83 -14.94 -2.51
C ILE B 50 5.57 -14.17 -2.14
N HIS B 51 5.53 -12.87 -2.44
CA HIS B 51 4.41 -12.03 -2.11
C HIS B 51 3.65 -11.76 -3.40
N VAL B 52 2.47 -12.35 -3.50
CA VAL B 52 1.62 -12.35 -4.69
C VAL B 52 0.76 -11.09 -4.71
N LEU B 53 0.80 -10.40 -5.84
CA LEU B 53 0.14 -9.10 -6.01
C LEU B 53 -0.70 -9.02 -7.28
N GLN B 54 -1.77 -8.23 -7.22
CA GLN B 54 -2.64 -7.95 -8.36
C GLN B 54 -2.66 -6.44 -8.58
N GLY B 55 -2.43 -6.03 -9.82
CA GLY B 55 -2.46 -4.61 -10.15
C GLY B 55 -1.46 -4.22 -11.22
N GLU B 56 -1.52 -2.95 -11.61
CA GLU B 56 -0.75 -2.36 -12.73
C GLU B 56 0.37 -1.43 -12.30
N ARG B 57 0.52 -1.18 -11.01
CA ARG B 57 1.56 -0.30 -10.51
C ARG B 57 2.92 -0.99 -10.46
N LYS B 58 4.01 -0.21 -10.68
CA LYS B 58 5.37 -0.76 -10.61
C LYS B 58 5.82 -0.80 -9.15
N ARG B 59 5.20 0.04 -8.29
CA ARG B 59 5.44 0.08 -6.85
C ARG B 59 4.54 -1.01 -6.25
N ALA B 60 5.15 -2.09 -5.73
CA ALA B 60 4.44 -3.24 -5.12
C ALA B 60 3.43 -2.79 -4.06
N ALA B 61 3.80 -1.76 -3.23
CA ALA B 61 2.98 -1.18 -2.17
C ALA B 61 1.64 -0.66 -2.66
N ASP B 62 1.54 -0.27 -3.94
CA ASP B 62 0.29 0.26 -4.49
C ASP B 62 -0.55 -0.78 -5.21
N ASN B 63 -0.14 -2.04 -5.18
CA ASN B 63 -0.94 -3.12 -5.77
C ASN B 63 -1.62 -3.87 -4.64
N LYS B 64 -2.62 -4.69 -4.98
CA LYS B 64 -3.39 -5.51 -4.05
C LYS B 64 -2.69 -6.85 -3.69
N SER B 65 -2.39 -7.02 -2.39
CA SER B 65 -1.77 -8.23 -1.84
CA SER B 65 -1.77 -8.24 -1.88
C SER B 65 -2.78 -9.38 -1.87
N LEU B 66 -2.43 -10.52 -2.51
CA LEU B 66 -3.31 -11.70 -2.64
C LEU B 66 -2.97 -12.81 -1.68
N GLY B 67 -1.75 -12.81 -1.22
CA GLY B 67 -1.22 -13.83 -0.34
C GLY B 67 0.28 -13.87 -0.42
N GLN B 68 0.88 -14.67 0.47
CA GLN B 68 2.33 -14.77 0.55
C GLN B 68 2.76 -16.07 1.19
N PHE B 69 3.93 -16.56 0.81
CA PHE B 69 4.49 -17.76 1.40
C PHE B 69 5.99 -17.68 1.33
N ASN B 70 6.67 -18.48 2.14
CA ASN B 70 8.13 -18.50 2.12
C ASN B 70 8.67 -19.79 1.54
N LEU B 71 9.82 -19.72 0.89
CA LEU B 71 10.52 -20.90 0.41
C LEU B 71 11.87 -20.89 1.11
N ASP B 72 12.09 -21.89 2.00
CA ASP B 72 13.30 -22.01 2.81
CA ASP B 72 13.36 -21.94 2.71
C ASP B 72 14.24 -23.10 2.25
N GLY B 73 15.36 -23.32 2.94
CA GLY B 73 16.31 -24.36 2.58
C GLY B 73 17.21 -24.03 1.40
N ILE B 74 17.30 -22.74 1.04
CA ILE B 74 18.19 -22.35 -0.06
C ILE B 74 19.65 -22.50 0.42
N ASN B 75 20.43 -23.35 -0.29
CA ASN B 75 21.83 -23.60 0.04
C ASN B 75 22.68 -22.35 -0.18
N PRO B 76 23.72 -22.14 0.66
CA PRO B 76 24.57 -20.94 0.51
C PRO B 76 25.12 -20.78 -0.90
N ALA B 77 25.03 -19.55 -1.42
CA ALA B 77 25.50 -19.19 -2.76
C ALA B 77 25.60 -17.67 -2.86
N PRO B 78 26.43 -17.16 -3.78
CA PRO B 78 26.43 -15.70 -4.03
C PRO B 78 25.04 -15.26 -4.53
N ARG B 79 24.67 -13.99 -4.25
CA ARG B 79 23.38 -13.44 -4.68
C ARG B 79 23.25 -13.58 -6.21
N GLY B 80 22.04 -13.90 -6.68
CA GLY B 80 21.79 -14.07 -8.11
C GLY B 80 22.12 -15.43 -8.71
N MET B 81 22.67 -16.37 -7.93
CA MET B 81 23.03 -17.69 -8.45
CA MET B 81 23.00 -17.75 -8.38
C MET B 81 21.92 -18.75 -8.23
N PRO B 82 21.22 -18.82 -7.06
CA PRO B 82 20.15 -19.81 -6.94
C PRO B 82 19.09 -19.57 -8.01
N GLN B 83 18.40 -20.64 -8.41
CA GLN B 83 17.35 -20.54 -9.41
C GLN B 83 16.04 -20.98 -8.78
N ILE B 84 15.18 -19.99 -8.50
CA ILE B 84 13.84 -20.18 -7.91
C ILE B 84 12.82 -19.99 -9.04
N GLU B 85 12.22 -21.09 -9.48
CA GLU B 85 11.22 -21.07 -10.55
C GLU B 85 9.87 -20.76 -9.90
N VAL B 86 9.24 -19.65 -10.33
CA VAL B 86 7.91 -19.30 -9.82
C VAL B 86 6.89 -19.57 -10.93
N THR B 87 5.82 -20.28 -10.61
CA THR B 87 4.75 -20.60 -11.57
C THR B 87 3.41 -20.05 -11.10
N PHE B 88 2.69 -19.37 -12.01
CA PHE B 88 1.32 -18.91 -11.77
C PHE B 88 0.43 -19.69 -12.69
N ASP B 89 -0.59 -20.33 -12.14
CA ASP B 89 -1.53 -21.11 -12.94
C ASP B 89 -2.95 -20.73 -12.56
N ILE B 90 -3.75 -20.28 -13.52
CA ILE B 90 -5.16 -19.97 -13.26
C ILE B 90 -5.98 -20.96 -14.03
N ASP B 91 -6.78 -21.73 -13.30
CA ASP B 91 -7.63 -22.73 -13.92
C ASP B 91 -8.92 -22.13 -14.43
N ALA B 92 -9.74 -22.96 -15.07
CA ALA B 92 -11.04 -22.60 -15.63
C ALA B 92 -12.02 -22.05 -14.58
N ASP B 93 -11.80 -22.35 -13.28
CA ASP B 93 -12.64 -21.87 -12.18
C ASP B 93 -12.17 -20.52 -11.61
N GLY B 94 -11.08 -19.98 -12.17
CA GLY B 94 -10.50 -18.72 -11.72
C GLY B 94 -9.64 -18.82 -10.47
N ILE B 95 -9.32 -20.06 -10.05
CA ILE B 95 -8.47 -20.28 -8.87
C ILE B 95 -7.01 -20.12 -9.27
N LEU B 96 -6.27 -19.30 -8.51
CA LEU B 96 -4.88 -19.07 -8.82
C LEU B 96 -3.97 -19.95 -7.97
N HIS B 97 -3.09 -20.71 -8.64
CA HIS B 97 -2.13 -21.61 -7.99
C HIS B 97 -0.75 -21.02 -8.21
N VAL B 98 -0.06 -20.72 -7.12
CA VAL B 98 1.27 -20.13 -7.17
C VAL B 98 2.25 -21.09 -6.50
N SER B 99 3.32 -21.42 -7.20
CA SER B 99 4.34 -22.29 -6.62
C SER B 99 5.73 -21.72 -6.85
N ALA B 100 6.66 -22.07 -5.96
CA ALA B 100 8.06 -21.67 -6.06
C ALA B 100 8.89 -22.92 -5.83
N LYS B 101 9.85 -23.18 -6.71
CA LYS B 101 10.71 -24.35 -6.61
C LYS B 101 12.17 -23.97 -6.81
N ASP B 102 13.02 -24.41 -5.86
CA ASP B 102 14.45 -24.18 -5.91
C ASP B 102 15.09 -25.36 -6.68
N LYS B 103 15.67 -25.09 -7.87
CA LYS B 103 16.28 -26.09 -8.76
C LYS B 103 17.42 -26.87 -8.12
N ASN B 104 18.20 -26.25 -7.22
CA ASN B 104 19.31 -26.91 -6.54
C ASN B 104 18.85 -27.80 -5.38
N SER B 105 18.09 -27.25 -4.43
CA SER B 105 17.65 -28.01 -3.25
C SER B 105 16.52 -29.00 -3.53
N GLY B 106 15.73 -28.73 -4.59
CA GLY B 106 14.57 -29.54 -4.94
C GLY B 106 13.35 -29.18 -4.10
N LYS B 107 13.50 -28.21 -3.18
CA LYS B 107 12.41 -27.76 -2.29
C LYS B 107 11.38 -26.95 -3.05
N GLU B 108 10.12 -27.10 -2.65
CA GLU B 108 8.99 -26.41 -3.26
C GLU B 108 7.97 -26.03 -2.22
N GLN B 109 7.27 -24.92 -2.46
CA GLN B 109 6.20 -24.46 -1.61
C GLN B 109 5.16 -23.84 -2.52
N LYS B 110 3.92 -23.89 -2.12
CA LYS B 110 2.83 -23.37 -2.95
C LYS B 110 1.70 -22.80 -2.10
N ILE B 111 0.83 -22.03 -2.74
CA ILE B 111 -0.40 -21.51 -2.13
C ILE B 111 -1.51 -21.54 -3.18
N THR B 112 -2.74 -21.57 -2.70
CA THR B 112 -3.95 -21.53 -3.51
C THR B 112 -4.70 -20.27 -3.14
N ILE B 113 -5.08 -19.48 -4.15
CA ILE B 113 -5.77 -18.19 -3.99
C ILE B 113 -7.11 -18.30 -4.70
N LYS B 114 -8.21 -18.21 -3.92
CA LYS B 114 -9.56 -18.39 -4.44
C LYS B 114 -9.94 -17.31 -5.47
N ALA B 115 -10.86 -17.64 -6.40
CA ALA B 115 -11.31 -16.75 -7.49
C ALA B 115 -11.84 -15.37 -7.06
N SER B 116 -12.48 -15.31 -5.87
N SER B 116 -12.49 -15.30 -5.87
CA SER B 116 -13.08 -14.10 -5.29
CA SER B 116 -13.08 -14.08 -5.33
C SER B 116 -12.06 -13.09 -4.75
C SER B 116 -12.05 -13.08 -4.78
N SER B 117 -10.78 -13.50 -4.63
CA SER B 117 -9.69 -12.67 -4.09
C SER B 117 -9.40 -11.44 -4.93
N GLY B 118 -8.78 -10.46 -4.31
CA GLY B 118 -8.33 -9.26 -4.99
C GLY B 118 -9.36 -8.15 -5.08
N LEU B 119 -9.16 -7.28 -6.07
CA LEU B 119 -9.96 -6.09 -6.31
C LEU B 119 -11.28 -6.38 -7.01
N ASN B 120 -12.34 -5.66 -6.59
CA ASN B 120 -13.64 -5.79 -7.25
C ASN B 120 -13.68 -4.93 -8.53
N GLU B 121 -14.79 -5.01 -9.29
CA GLU B 121 -15.02 -4.23 -10.52
C GLU B 121 -14.76 -2.71 -10.43
N ASP B 122 -15.24 -2.03 -9.36
CA ASP B 122 -15.01 -0.58 -9.21
C ASP B 122 -13.53 -0.28 -9.00
N GLU B 123 -12.88 -1.10 -8.16
CA GLU B 123 -11.46 -1.00 -7.85
C GLU B 123 -10.58 -1.31 -9.05
N ILE B 124 -11.02 -2.21 -9.95
CA ILE B 124 -10.23 -2.58 -11.16
C ILE B 124 -10.10 -1.32 -12.06
N GLN B 125 -11.24 -0.64 -12.36
CA GLN B 125 -11.17 0.53 -13.22
CA GLN B 125 -11.29 0.58 -13.18
C GLN B 125 -10.39 1.69 -12.62
N LYS B 126 -10.46 1.86 -11.29
CA LYS B 126 -9.69 2.85 -10.55
C LYS B 126 -8.19 2.52 -10.66
N MET B 127 -7.84 1.22 -10.59
CA MET B 127 -6.47 0.70 -10.69
C MET B 127 -5.89 1.03 -12.06
N VAL B 128 -6.65 0.77 -13.14
CA VAL B 128 -6.19 1.05 -14.50
C VAL B 128 -5.91 2.56 -14.69
N ARG B 129 -6.82 3.42 -14.17
CA ARG B 129 -6.70 4.88 -14.25
C ARG B 129 -5.50 5.42 -13.46
N ASP B 130 -5.31 4.94 -12.22
CA ASP B 130 -4.19 5.28 -11.33
C ASP B 130 -2.83 4.93 -11.98
N ALA B 131 -2.75 3.76 -12.63
CA ALA B 131 -1.52 3.32 -13.28
C ALA B 131 -1.18 4.21 -14.48
N GLU B 132 -2.20 4.59 -15.27
CA GLU B 132 -2.02 5.48 -16.42
C GLU B 132 -1.55 6.86 -15.93
N ALA B 133 -2.17 7.38 -14.84
CA ALA B 133 -1.84 8.70 -14.26
C ALA B 133 -0.42 8.74 -13.66
N ASN B 134 0.08 7.59 -13.19
CA ASN B 134 1.38 7.43 -12.53
C ASN B 134 2.43 6.68 -13.35
N ALA B 135 2.21 6.52 -14.68
CA ALA B 135 3.14 5.82 -15.59
C ALA B 135 4.58 6.40 -15.55
N GLU B 136 4.70 7.75 -15.59
CA GLU B 136 5.98 8.46 -15.57
C GLU B 136 6.69 8.32 -14.22
N ALA B 137 5.97 8.58 -13.10
CA ALA B 137 6.51 8.43 -11.75
C ALA B 137 6.99 6.97 -11.53
N ASP B 138 6.26 5.97 -12.07
CA ASP B 138 6.61 4.56 -11.93
C ASP B 138 7.91 4.21 -12.69
N ARG B 139 8.10 4.83 -13.88
CA ARG B 139 9.30 4.73 -14.72
C ARG B 139 10.52 5.23 -13.92
N LYS B 140 10.37 6.38 -13.21
CA LYS B 140 11.42 6.99 -12.38
C LYS B 140 11.70 6.15 -11.13
N PHE B 141 10.64 5.57 -10.50
CA PHE B 141 10.78 4.70 -9.33
C PHE B 141 11.66 3.48 -9.64
N GLU B 142 11.45 2.85 -10.81
CA GLU B 142 12.19 1.67 -11.28
C GLU B 142 13.68 1.98 -11.39
N GLU B 143 14.01 3.20 -11.87
CA GLU B 143 15.39 3.68 -11.98
C GLU B 143 15.99 3.87 -10.59
N LEU B 144 15.23 4.49 -9.67
CA LEU B 144 15.64 4.71 -8.28
C LEU B 144 15.94 3.36 -7.56
N VAL B 145 15.09 2.34 -7.79
CA VAL B 145 15.27 1.00 -7.21
C VAL B 145 16.59 0.28 -7.66
N GLN B 146 16.97 0.40 -8.95
CA GLN B 146 18.22 -0.15 -9.47
C GLN B 146 19.43 0.39 -8.66
N THR B 147 19.45 1.72 -8.42
CA THR B 147 20.47 2.41 -7.63
C THR B 147 20.40 1.97 -6.16
N ARG B 148 19.19 1.99 -5.58
CA ARG B 148 18.92 1.54 -4.21
C ARG B 148 19.41 0.13 -3.94
N ASN B 149 19.17 -0.79 -4.89
CA ASN B 149 19.63 -2.17 -4.79
C ASN B 149 21.12 -2.29 -4.82
N GLN B 150 21.80 -1.48 -5.66
CA GLN B 150 23.26 -1.45 -5.72
C GLN B 150 23.81 -1.00 -4.36
N GLY B 151 23.13 -0.02 -3.77
CA GLY B 151 23.46 0.55 -2.46
C GLY B 151 23.40 -0.49 -1.36
N ASP B 152 22.31 -1.27 -1.35
CA ASP B 152 22.05 -2.37 -0.43
C ASP B 152 23.16 -3.44 -0.48
N HIS B 153 23.57 -3.86 -1.71
CA HIS B 153 24.61 -4.87 -1.89
CA HIS B 153 24.62 -4.87 -1.92
C HIS B 153 25.94 -4.42 -1.30
N LEU B 154 26.35 -3.14 -1.56
CA LEU B 154 27.59 -2.56 -1.07
C LEU B 154 27.60 -2.58 0.46
N LEU B 155 26.49 -2.15 1.06
CA LEU B 155 26.23 -2.09 2.50
C LEU B 155 26.39 -3.50 3.12
N HIS B 156 25.81 -4.52 2.48
CA HIS B 156 25.88 -5.91 2.93
C HIS B 156 27.29 -6.51 2.76
N SER B 157 27.94 -6.28 1.59
CA SER B 157 29.28 -6.81 1.27
C SER B 157 30.37 -6.21 2.16
N THR B 158 30.29 -4.91 2.47
CA THR B 158 31.24 -4.19 3.33
C THR B 158 31.12 -4.69 4.78
N ARG B 159 29.89 -4.82 5.30
CA ARG B 159 29.62 -5.27 6.66
C ARG B 159 30.09 -6.69 6.96
N LYS B 160 30.00 -7.61 5.97
CA LYS B 160 30.50 -8.99 6.10
C LYS B 160 32.03 -9.01 6.04
N GLN B 161 32.63 -8.06 5.28
CA GLN B 161 34.07 -7.90 5.14
C GLN B 161 34.73 -7.34 6.42
N VAL B 162 34.00 -6.45 7.14
CA VAL B 162 34.43 -5.85 8.42
C VAL B 162 34.43 -6.96 9.50
N GLU B 163 33.41 -7.86 9.45
CA GLU B 163 33.25 -9.01 10.35
C GLU B 163 34.44 -9.98 10.21
N GLU B 164 34.78 -10.36 8.96
CA GLU B 164 35.87 -11.27 8.60
C GLU B 164 37.26 -10.71 8.94
N ALA B 165 37.48 -9.39 8.73
CA ALA B 165 38.75 -8.70 9.01
C ALA B 165 39.05 -8.59 10.52
N GLY B 166 38.09 -8.06 11.28
CA GLY B 166 38.16 -7.89 12.73
C GLY B 166 39.39 -7.18 13.25
N ASP B 167 40.32 -7.97 13.83
CA ASP B 167 41.59 -7.51 14.42
C ASP B 167 42.56 -6.90 13.39
N LYS B 168 42.56 -7.44 12.16
CA LYS B 168 43.42 -7.01 11.05
C LYS B 168 43.10 -5.58 10.59
N LEU B 169 41.81 -5.19 10.63
CA LEU B 169 41.32 -3.87 10.23
C LEU B 169 41.58 -2.82 11.35
N PRO B 170 42.33 -1.72 11.06
CA PRO B 170 42.59 -0.70 12.09
C PRO B 170 41.33 0.06 12.53
N ALA B 171 41.29 0.48 13.81
CA ALA B 171 40.17 1.20 14.43
C ALA B 171 39.86 2.53 13.75
N ASP B 172 40.90 3.23 13.24
CA ASP B 172 40.74 4.51 12.53
C ASP B 172 39.97 4.29 11.23
N ASP B 173 40.23 3.14 10.55
CA ASP B 173 39.55 2.74 9.33
C ASP B 173 38.12 2.27 9.63
N LYS B 174 37.93 1.46 10.71
CA LYS B 174 36.62 0.93 11.13
C LYS B 174 35.65 2.05 11.53
N THR B 175 36.16 3.13 12.17
CA THR B 175 35.34 4.29 12.58
C THR B 175 34.81 5.02 11.32
N ALA B 176 35.70 5.26 10.33
CA ALA B 176 35.40 5.94 9.07
C ALA B 176 34.47 5.10 8.17
N ILE B 177 34.55 3.76 8.27
CA ILE B 177 33.71 2.82 7.53
C ILE B 177 32.29 2.83 8.10
N GLU B 178 32.15 2.70 9.44
CA GLU B 178 30.87 2.69 10.15
C GLU B 178 30.11 4.01 9.99
N SER B 179 30.84 5.15 9.92
CA SER B 179 30.27 6.48 9.70
C SER B 179 29.73 6.58 8.27
N ALA B 180 30.46 5.96 7.31
CA ALA B 180 30.10 5.91 5.89
C ALA B 180 28.98 4.88 5.59
N LEU B 181 28.87 3.81 6.40
CA LEU B 181 27.82 2.80 6.26
C LEU B 181 26.48 3.40 6.74
N THR B 182 26.53 4.24 7.81
CA THR B 182 25.38 4.95 8.38
C THR B 182 24.88 6.00 7.37
N ALA B 183 25.82 6.69 6.69
CA ALA B 183 25.54 7.72 5.70
C ALA B 183 24.81 7.15 4.48
N LEU B 184 25.27 5.98 3.98
CA LEU B 184 24.66 5.30 2.83
C LEU B 184 23.25 4.82 3.14
N GLU B 185 23.00 4.35 4.38
CA GLU B 185 21.69 3.90 4.88
C GLU B 185 20.67 5.05 4.85
N THR B 186 21.12 6.25 5.24
CA THR B 186 20.32 7.48 5.27
C THR B 186 19.93 7.92 3.85
N ALA B 187 20.92 7.93 2.93
CA ALA B 187 20.73 8.29 1.51
C ALA B 187 19.76 7.33 0.78
N LEU B 188 19.84 6.00 1.07
CA LEU B 188 18.98 4.97 0.46
C LEU B 188 17.50 5.22 0.72
N LYS B 189 17.17 5.82 1.88
CA LYS B 189 15.83 6.20 2.29
C LYS B 189 15.27 7.33 1.40
N GLY B 190 16.17 8.15 0.82
CA GLY B 190 15.83 9.27 -0.05
C GLY B 190 15.48 8.87 -1.47
N GLU B 191 15.07 9.84 -2.29
CA GLU B 191 14.67 9.61 -3.69
C GLU B 191 15.65 10.19 -4.74
N ASP B 192 16.88 10.48 -4.31
CA ASP B 192 17.85 11.05 -5.23
C ASP B 192 18.92 10.01 -5.59
N LYS B 193 19.01 9.66 -6.89
CA LYS B 193 19.98 8.67 -7.41
C LYS B 193 21.43 9.07 -7.13
N ALA B 194 21.79 10.34 -7.46
CA ALA B 194 23.13 10.87 -7.27
C ALA B 194 23.56 10.84 -5.80
N ALA B 195 22.61 11.17 -4.88
CA ALA B 195 22.86 11.21 -3.44
C ALA B 195 23.23 9.85 -2.88
N ILE B 196 22.61 8.79 -3.41
CA ILE B 196 22.87 7.40 -3.03
C ILE B 196 24.26 7.02 -3.52
N GLU B 197 24.52 7.25 -4.83
CA GLU B 197 25.83 6.96 -5.44
C GLU B 197 26.94 7.76 -4.76
N ALA B 198 26.67 9.01 -4.33
CA ALA B 198 27.66 9.85 -3.64
C ALA B 198 28.11 9.19 -2.32
N LYS B 199 27.14 8.64 -1.55
CA LYS B 199 27.42 7.93 -0.29
C LYS B 199 28.11 6.58 -0.49
N MET B 200 27.90 5.95 -1.66
CA MET B 200 28.58 4.70 -2.01
C MET B 200 30.07 4.99 -2.22
N GLN B 201 30.39 6.10 -2.91
CA GLN B 201 31.75 6.56 -3.17
C GLN B 201 32.49 6.86 -1.84
N GLU B 202 31.80 7.56 -0.90
CA GLU B 202 32.35 7.95 0.41
C GLU B 202 32.79 6.71 1.21
N LEU B 203 32.02 5.62 1.09
CA LEU B 203 32.32 4.35 1.76
C LEU B 203 33.52 3.69 1.09
N ALA B 204 33.53 3.64 -0.27
CA ALA B 204 34.63 3.08 -1.08
C ALA B 204 35.98 3.79 -0.83
N GLN B 205 35.96 5.13 -0.64
CA GLN B 205 37.14 5.96 -0.37
C GLN B 205 37.83 5.64 0.95
N VAL B 206 37.06 5.20 1.96
CA VAL B 206 37.59 4.80 3.29
C VAL B 206 37.82 3.28 3.41
N SER B 207 37.49 2.51 2.32
CA SER B 207 37.61 1.05 2.21
C SER B 207 38.95 0.58 1.58
N GLN B 208 40.03 1.36 1.76
CA GLN B 208 41.36 1.06 1.24
C GLN B 208 41.97 -0.22 1.83
N LYS B 209 42.25 -0.21 3.16
CA LYS B 209 42.82 -1.32 3.92
C LYS B 209 41.91 -2.55 3.95
N LEU B 210 40.57 -2.34 3.96
CA LEU B 210 39.56 -3.40 3.98
C LEU B 210 39.53 -4.18 2.65
N MET B 211 39.40 -3.47 1.50
CA MET B 211 39.37 -4.09 0.17
C MET B 211 40.76 -4.14 -0.45
N ARG C 6 -12.41 16.37 13.49
CA ARG C 6 -13.44 16.33 12.45
C ARG C 6 -13.88 14.88 12.19
N PRO C 7 -15.20 14.58 12.07
CA PRO C 7 -15.59 13.20 11.78
C PRO C 7 -14.97 12.69 10.48
N PRO C 8 -14.42 11.44 10.46
CA PRO C 8 -13.85 10.94 9.20
C PRO C 8 -14.98 10.74 8.19
N ARG C 9 -14.61 10.74 6.91
CA ARG C 9 -15.59 10.64 5.85
C ARG C 9 -15.65 9.30 5.11
N LEU C 10 -16.86 8.92 4.69
CA LEU C 10 -17.13 7.64 4.02
C LEU C 10 -17.45 7.75 2.53
N PRO C 11 -16.94 6.80 1.72
CA PRO C 11 -17.26 6.83 0.28
C PRO C 11 -18.66 6.27 -0.02
N ARG C 12 -19.19 6.57 -1.20
CA ARG C 12 -20.50 6.07 -1.64
C ARG C 12 -20.33 4.63 -2.16
N PRO C 13 -21.41 3.80 -2.16
CA PRO C 13 -21.30 2.44 -2.73
C PRO C 13 -20.90 2.43 -4.21
N ARG C 14 -20.30 1.28 -4.66
CA ARG C 14 -19.81 0.96 -6.01
C ARG C 14 -20.66 1.54 -7.16
N ARG D 6 18.71 -11.01 -16.99
CA ARG D 6 19.12 -11.24 -15.60
C ARG D 6 17.88 -11.51 -14.73
N PRO D 7 17.86 -12.60 -13.92
CA PRO D 7 16.65 -12.88 -13.12
C PRO D 7 16.42 -11.88 -11.99
N PRO D 8 15.15 -11.45 -11.81
CA PRO D 8 14.83 -10.54 -10.70
C PRO D 8 15.10 -11.18 -9.34
N ARG D 9 15.50 -10.39 -8.37
CA ARG D 9 15.86 -10.91 -7.07
C ARG D 9 14.76 -10.80 -6.02
N LEU D 10 14.72 -11.77 -5.11
CA LEU D 10 13.71 -11.85 -4.06
C LEU D 10 14.21 -11.53 -2.67
N PRO D 11 13.41 -10.78 -1.86
CA PRO D 11 13.84 -10.52 -0.50
C PRO D 11 13.66 -11.74 0.40
N ARG D 12 14.40 -11.75 1.51
CA ARG D 12 14.38 -12.78 2.53
C ARG D 12 13.13 -12.55 3.41
N PRO D 13 12.54 -13.59 4.06
CA PRO D 13 11.40 -13.34 4.96
C PRO D 13 11.74 -12.39 6.11
N ARG D 14 10.73 -11.66 6.60
CA ARG D 14 10.86 -10.71 7.70
C ARG D 14 11.31 -11.41 9.01
N PRO D 15 12.45 -10.98 9.62
CA PRO D 15 12.90 -11.63 10.86
C PRO D 15 12.11 -11.15 12.08
#